data_2ZZL
#
_entry.id   2ZZL
#
_cell.length_a   102.21
_cell.length_b   102.21
_cell.length_c   112.48
_cell.angle_alpha   90
_cell.angle_beta   90
_cell.angle_gamma   120
#
_symmetry.space_group_name_H-M   'P 6 2 2'
#
loop_
_entity.id
_entity.type
_entity.pdbx_description
1 polymer Bacteriorhodopsin
2 branched 3-O-sulfo-beta-D-galactopyranose-(1-6)-alpha-D-mannopyranose-(1-2)-alpha-D-glucopyranose
3 non-polymer RETINAL
4 non-polymer "2,3-DI-O-PHYTANLY-3-SN-GLYCERO-1-PHOSPHORYL-3'-SN-GLYCEROL-1'-PHOSPHATE"
5 non-polymer 2,3-DI-PHYTANYL-GLYCEROL
6 non-polymer 3-PHOSPHORYL-[1,2-DI-PHYTANYL]GLYCEROL
7 non-polymer 'octyl 1-thio-beta-D-glucopyranoside'
8 water water
#
_entity_poly.entity_id   1
_entity_poly.type   'polypeptide(L)'
_entity_poly.pdbx_seq_one_letter_code
;MLELLPTAVEGVSQAQITGRPEWIWLALGTALMGLGTLYFLVKGMGVSDPDAKKFYAITTLVPAIAFTMYLSMLLGYGLT
MVPFGGEQNPIYWARYADWLFTTPLLLLDLALLVDADQGTILALVGADGIMIGTGLVGALTKVYSYRFVWWAISTAAMLY
ILYVLFFGFTSKAESMRPEVASTFKVLRNVTVVLWSAYPVVWLIGSEGAGIVPLNIETLLFMVLDVSAKVGFGLILLRSR
AIFGEAEAPEPSAGDGAAATSD
;
_entity_poly.pdbx_strand_id   A
#
# COMPACT_ATOMS: atom_id res chain seq x y z
N THR A 18 -1.57 -9.37 -22.62
CA THR A 18 -1.01 -8.14 -23.27
C THR A 18 -1.02 -6.95 -22.31
N GLY A 19 -0.20 -5.95 -22.60
CA GLY A 19 -0.13 -4.77 -21.76
C GLY A 19 -0.36 -3.48 -22.54
N ARG A 20 -1.61 -3.20 -22.89
CA ARG A 20 -1.95 -2.00 -23.64
C ARG A 20 -3.32 -1.42 -23.29
N PRO A 21 -4.37 -2.25 -23.29
CA PRO A 21 -5.71 -1.75 -22.95
C PRO A 21 -5.83 -1.15 -21.55
N GLU A 22 -5.11 -1.71 -20.59
CA GLU A 22 -5.16 -1.22 -19.22
C GLU A 22 -4.35 0.07 -19.05
N TRP A 23 -3.76 0.54 -20.14
CA TRP A 23 -2.93 1.73 -20.10
C TRP A 23 -3.66 2.93 -19.48
N ILE A 24 -4.97 3.02 -19.72
CA ILE A 24 -5.73 4.14 -19.21
C ILE A 24 -5.76 4.20 -17.68
N TRP A 25 -5.83 3.06 -17.02
CA TRP A 25 -5.85 3.01 -15.56
C TRP A 25 -4.47 3.37 -15.02
N LEU A 26 -3.44 3.01 -15.78
CA LEU A 26 -2.06 3.31 -15.40
C LEU A 26 -1.79 4.80 -15.53
N ALA A 27 -2.35 5.43 -16.56
CA ALA A 27 -2.17 6.87 -16.78
C ALA A 27 -2.94 7.66 -15.71
N LEU A 28 -4.15 7.20 -15.40
CA LEU A 28 -4.95 7.88 -14.38
C LEU A 28 -4.25 7.73 -13.03
N GLY A 29 -3.76 6.53 -12.77
CA GLY A 29 -3.07 6.27 -11.51
C GLY A 29 -1.86 7.17 -11.38
N THR A 30 -1.07 7.25 -12.45
CA THR A 30 0.12 8.09 -12.49
C THR A 30 -0.24 9.54 -12.20
N ALA A 31 -1.31 10.00 -12.84
CA ALA A 31 -1.78 11.39 -12.66
C ALA A 31 -2.25 11.66 -11.24
N LEU A 32 -3.03 10.73 -10.67
CA LEU A 32 -3.54 10.91 -9.32
C LEU A 32 -2.43 10.89 -8.27
N MET A 33 -1.42 10.05 -8.46
CA MET A 33 -0.31 9.98 -7.51
C MET A 33 0.52 11.25 -7.59
N GLY A 34 0.76 11.73 -8.80
CA GLY A 34 1.54 12.94 -8.97
C GLY A 34 0.83 14.15 -8.36
N LEU A 35 -0.48 14.22 -8.55
CA LEU A 35 -1.26 15.33 -8.00
C LEU A 35 -1.34 15.25 -6.48
N GLY A 36 -1.51 14.04 -5.97
CA GLY A 36 -1.57 13.84 -4.53
C GLY A 36 -0.25 14.23 -3.90
N THR A 37 0.85 13.94 -4.58
CA THR A 37 2.18 14.28 -4.08
C THR A 37 2.33 15.80 -4.01
N LEU A 38 1.98 16.46 -5.11
CA LEU A 38 2.08 17.91 -5.21
C LEU A 38 1.23 18.59 -4.12
N TYR A 39 0.04 18.07 -3.90
CA TYR A 39 -0.87 18.59 -2.89
C TYR A 39 -0.28 18.47 -1.47
N PHE A 40 0.23 17.29 -1.12
CA PHE A 40 0.83 17.09 0.20
C PHE A 40 2.04 17.99 0.37
N LEU A 41 2.84 18.12 -0.69
CA LEU A 41 4.03 18.98 -0.66
C LEU A 41 3.68 20.43 -0.34
N VAL A 42 2.70 20.97 -1.07
CA VAL A 42 2.27 22.35 -0.87
C VAL A 42 1.70 22.52 0.52
N LYS A 43 0.82 21.60 0.90
CA LYS A 43 0.17 21.63 2.20
C LYS A 43 1.16 21.56 3.37
N GLY A 44 2.29 20.89 3.17
CA GLY A 44 3.26 20.77 4.23
C GLY A 44 4.30 21.87 4.36
N MET A 45 4.34 22.78 3.39
CA MET A 45 5.33 23.87 3.43
C MET A 45 5.20 24.80 4.63
N GLY A 46 3.97 25.13 5.02
CA GLY A 46 3.79 26.04 6.14
C GLY A 46 3.81 25.42 7.53
N VAL A 47 4.20 24.15 7.61
CA VAL A 47 4.22 23.45 8.90
C VAL A 47 5.52 23.61 9.68
N SER A 48 5.39 23.89 10.97
CA SER A 48 6.56 24.06 11.83
C SER A 48 6.57 23.01 12.96
N ASP A 49 5.39 22.49 13.30
CA ASP A 49 5.28 21.47 14.35
C ASP A 49 6.19 20.30 13.99
N PRO A 50 7.22 20.04 14.82
CA PRO A 50 8.16 18.94 14.57
C PRO A 50 7.54 17.56 14.41
N ASP A 51 6.40 17.34 15.06
CA ASP A 51 5.71 16.06 14.96
C ASP A 51 4.98 15.94 13.63
N ALA A 52 4.15 16.94 13.31
CA ALA A 52 3.38 16.95 12.07
C ALA A 52 4.34 16.85 10.91
N LYS A 53 5.50 17.48 11.08
CA LYS A 53 6.53 17.48 10.05
C LYS A 53 6.96 16.06 9.68
N LYS A 54 7.05 15.19 10.68
CA LYS A 54 7.42 13.80 10.43
C LYS A 54 6.32 13.11 9.62
N PHE A 55 5.06 13.40 9.99
CA PHE A 55 3.92 12.81 9.29
C PHE A 55 3.90 13.27 7.83
N TYR A 56 4.22 14.54 7.57
CA TYR A 56 4.25 15.02 6.19
C TYR A 56 5.35 14.34 5.36
N ALA A 57 6.53 14.19 5.95
CA ALA A 57 7.63 13.53 5.25
C ALA A 57 7.25 12.08 4.90
N ILE A 58 6.73 11.35 5.88
CA ILE A 58 6.35 9.95 5.64
C ILE A 58 5.24 9.83 4.59
N THR A 59 4.18 10.60 4.80
CA THR A 59 3.01 10.58 3.92
C THR A 59 3.20 11.14 2.51
N THR A 60 4.07 12.13 2.36
CA THR A 60 4.33 12.72 1.04
C THR A 60 5.18 11.78 0.17
N LEU A 61 6.09 11.04 0.80
CA LEU A 61 6.93 10.08 0.07
C LEU A 61 6.13 8.92 -0.53
N VAL A 62 5.05 8.53 0.13
CA VAL A 62 4.22 7.43 -0.34
C VAL A 62 3.73 7.64 -1.79
N PRO A 63 3.00 8.74 -2.05
CA PRO A 63 2.56 8.91 -3.44
C PRO A 63 3.67 9.31 -4.41
N ALA A 64 4.77 9.87 -3.89
CA ALA A 64 5.88 10.27 -4.75
C ALA A 64 6.45 8.98 -5.35
N ILE A 65 6.61 7.97 -4.50
CA ILE A 65 7.11 6.67 -4.92
C ILE A 65 6.08 6.02 -5.86
N ALA A 66 4.81 6.05 -5.48
CA ALA A 66 3.75 5.45 -6.30
C ALA A 66 3.72 6.10 -7.68
N PHE A 67 3.99 7.40 -7.72
CA PHE A 67 4.02 8.13 -9.00
C PHE A 67 5.07 7.53 -9.94
N THR A 68 6.29 7.38 -9.45
CA THR A 68 7.35 6.82 -10.28
C THR A 68 7.03 5.38 -10.70
N MET A 69 6.45 4.61 -9.79
CA MET A 69 6.13 3.22 -10.11
C MET A 69 4.98 3.10 -11.11
N TYR A 70 3.94 3.92 -10.97
CA TYR A 70 2.85 3.85 -11.94
C TYR A 70 3.34 4.31 -13.31
N LEU A 71 4.20 5.32 -13.33
CA LEU A 71 4.75 5.82 -14.57
C LEU A 71 5.59 4.73 -15.24
N SER A 72 6.32 3.94 -14.46
CA SER A 72 7.12 2.87 -15.05
C SER A 72 6.21 1.82 -15.67
N MET A 73 5.05 1.58 -15.07
CA MET A 73 4.09 0.61 -15.59
C MET A 73 3.44 1.14 -16.87
N LEU A 74 3.15 2.43 -16.88
CA LEU A 74 2.54 3.08 -18.04
C LEU A 74 3.51 3.06 -19.23
N LEU A 75 4.78 3.35 -18.96
CA LEU A 75 5.79 3.36 -20.01
C LEU A 75 6.21 1.97 -20.45
N GLY A 76 6.00 0.98 -19.60
CA GLY A 76 6.36 -0.39 -19.97
C GLY A 76 7.51 -0.99 -19.18
N TYR A 77 8.38 -0.14 -18.64
CA TYR A 77 9.52 -0.64 -17.86
C TYR A 77 9.07 -1.54 -16.70
N GLY A 78 8.00 -1.15 -16.01
CA GLY A 78 7.50 -1.92 -14.89
C GLY A 78 6.70 -3.15 -15.23
N LEU A 79 6.75 -3.57 -16.49
CA LEU A 79 6.01 -4.75 -16.96
C LEU A 79 6.98 -5.84 -17.41
N THR A 80 6.69 -7.07 -17.02
CA THR A 80 7.52 -8.20 -17.43
C THR A 80 6.59 -9.34 -17.88
N MET A 81 7.18 -10.37 -18.46
CA MET A 81 6.40 -11.52 -18.93
C MET A 81 6.81 -12.75 -18.13
N VAL A 82 5.83 -13.43 -17.56
CA VAL A 82 6.09 -14.64 -16.77
C VAL A 82 5.33 -15.83 -17.35
N PRO A 83 6.05 -16.90 -17.70
CA PRO A 83 5.40 -18.09 -18.26
C PRO A 83 4.80 -18.97 -17.17
N PHE A 84 3.55 -19.37 -17.37
CA PHE A 84 2.86 -20.26 -16.44
C PHE A 84 1.48 -20.53 -17.04
N GLY A 85 0.96 -21.73 -16.78
CA GLY A 85 -0.33 -22.10 -17.33
C GLY A 85 -0.21 -22.31 -18.83
N GLY A 86 1.02 -22.55 -19.28
CA GLY A 86 1.29 -22.78 -20.68
C GLY A 86 1.15 -21.53 -21.52
N GLU A 87 1.62 -20.40 -20.99
CA GLU A 87 1.54 -19.13 -21.71
C GLU A 87 2.37 -18.05 -21.06
N GLN A 88 2.67 -16.99 -21.81
CA GLN A 88 3.45 -15.87 -21.31
C GLN A 88 2.45 -14.86 -20.76
N ASN A 89 2.53 -14.62 -19.46
CA ASN A 89 1.60 -13.69 -18.81
C ASN A 89 2.22 -12.36 -18.37
N PRO A 90 1.56 -11.24 -18.69
CA PRO A 90 2.07 -9.93 -18.31
C PRO A 90 1.97 -9.74 -16.80
N ILE A 91 3.10 -9.41 -16.18
CA ILE A 91 3.14 -9.22 -14.74
C ILE A 91 3.77 -7.86 -14.44
N TYR A 92 3.02 -7.01 -13.74
CA TYR A 92 3.50 -5.69 -13.37
C TYR A 92 4.29 -5.77 -12.06
N TRP A 93 5.57 -6.08 -12.16
CA TRP A 93 6.42 -6.19 -11.00
C TRP A 93 6.56 -4.86 -10.26
N ALA A 94 6.40 -3.75 -10.99
CA ALA A 94 6.50 -2.41 -10.38
C ALA A 94 5.42 -2.18 -9.32
N ARG A 95 4.33 -2.95 -9.37
CA ARG A 95 3.27 -2.82 -8.36
C ARG A 95 3.87 -3.19 -7.02
N TYR A 96 4.66 -4.26 -7.02
CA TYR A 96 5.31 -4.78 -5.82
C TYR A 96 6.45 -3.91 -5.33
N ALA A 97 7.24 -3.39 -6.26
CA ALA A 97 8.35 -2.51 -5.91
C ALA A 97 7.77 -1.30 -5.19
N ASP A 98 6.59 -0.88 -5.66
CA ASP A 98 5.87 0.26 -5.11
C ASP A 98 5.49 -0.09 -3.67
N TRP A 99 4.73 -1.18 -3.51
CA TRP A 99 4.28 -1.63 -2.20
C TRP A 99 5.42 -1.88 -1.20
N LEU A 100 6.55 -2.38 -1.70
CA LEU A 100 7.68 -2.67 -0.82
C LEU A 100 8.11 -1.48 0.03
N PHE A 101 8.04 -0.28 -0.55
CA PHE A 101 8.44 0.94 0.15
C PHE A 101 7.27 1.71 0.75
N THR A 102 6.12 1.68 0.09
CA THR A 102 4.98 2.43 0.61
C THR A 102 4.30 1.81 1.82
N THR A 103 4.15 0.49 1.87
CA THR A 103 3.46 -0.09 3.03
C THR A 103 4.21 0.11 4.34
N PRO A 104 5.54 0.03 4.34
CA PRO A 104 6.25 0.24 5.60
C PRO A 104 6.07 1.69 6.08
N LEU A 105 6.00 2.62 5.13
CA LEU A 105 5.82 4.03 5.46
C LEU A 105 4.44 4.24 6.09
N LEU A 106 3.41 3.64 5.48
CA LEU A 106 2.06 3.75 6.00
C LEU A 106 2.04 3.20 7.43
N LEU A 107 2.73 2.08 7.64
CA LEU A 107 2.81 1.45 8.95
C LEU A 107 3.48 2.42 9.93
N LEU A 108 4.51 3.11 9.45
CA LEU A 108 5.22 4.09 10.27
C LEU A 108 4.30 5.23 10.68
N ASP A 109 3.42 5.65 9.77
CA ASP A 109 2.48 6.72 10.07
C ASP A 109 1.63 6.30 11.27
N LEU A 110 1.07 5.10 11.17
CA LEU A 110 0.23 4.55 12.23
C LEU A 110 1.00 4.39 13.53
N ALA A 111 2.22 3.90 13.43
CA ALA A 111 3.07 3.71 14.59
C ALA A 111 3.36 5.01 15.34
N LEU A 112 3.67 6.06 14.59
CA LEU A 112 3.97 7.35 15.20
C LEU A 112 2.72 7.94 15.86
N LEU A 113 1.57 7.74 15.22
CA LEU A 113 0.32 8.27 15.73
C LEU A 113 -0.02 7.68 17.09
N VAL A 114 0.34 6.41 17.28
CA VAL A 114 0.03 5.70 18.51
C VAL A 114 1.24 5.51 19.43
N ASP A 115 2.40 6.00 19.00
CA ASP A 115 3.64 5.89 19.76
C ASP A 115 3.96 4.42 20.07
N ALA A 116 3.95 3.59 19.02
CA ALA A 116 4.24 2.17 19.16
C ALA A 116 5.70 1.93 19.58
N ASP A 117 5.93 0.82 20.29
CA ASP A 117 7.27 0.46 20.75
C ASP A 117 8.14 0.10 19.55
N GLN A 118 9.46 0.24 19.71
CA GLN A 118 10.39 -0.06 18.63
C GLN A 118 10.33 -1.53 18.20
N GLY A 119 10.21 -2.42 19.17
CA GLY A 119 10.14 -3.83 18.86
C GLY A 119 8.93 -4.15 17.99
N THR A 120 7.79 -3.56 18.32
CA THR A 120 6.59 -3.82 17.53
C THR A 120 6.71 -3.22 16.12
N ILE A 121 7.36 -2.06 16.01
CA ILE A 121 7.56 -1.44 14.69
C ILE A 121 8.44 -2.33 13.81
N LEU A 122 9.52 -2.87 14.38
CA LEU A 122 10.41 -3.75 13.64
C LEU A 122 9.67 -5.01 13.21
N ALA A 123 8.85 -5.56 14.11
CA ALA A 123 8.07 -6.76 13.82
C ALA A 123 7.16 -6.53 12.62
N LEU A 124 6.47 -5.40 12.63
CA LEU A 124 5.55 -5.04 11.55
C LEU A 124 6.26 -4.80 10.23
N VAL A 125 7.34 -4.04 10.25
CA VAL A 125 8.09 -3.75 9.03
C VAL A 125 8.65 -5.04 8.45
N GLY A 126 9.17 -5.90 9.32
CA GLY A 126 9.71 -7.18 8.89
C GLY A 126 8.60 -8.05 8.29
N ALA A 127 7.47 -8.10 8.97
CA ALA A 127 6.34 -8.89 8.48
C ALA A 127 5.90 -8.32 7.14
N ASP A 128 5.93 -6.99 7.05
CA ASP A 128 5.50 -6.31 5.83
C ASP A 128 6.45 -6.59 4.65
N GLY A 129 7.75 -6.65 4.93
CA GLY A 129 8.70 -6.95 3.87
C GLY A 129 8.50 -8.38 3.41
N ILE A 130 8.18 -9.27 4.35
CA ILE A 130 7.93 -10.66 4.01
C ILE A 130 6.65 -10.74 3.17
N MET A 131 5.63 -9.97 3.56
CA MET A 131 4.36 -9.96 2.84
C MET A 131 4.53 -9.57 1.38
N ILE A 132 5.22 -8.46 1.14
CA ILE A 132 5.42 -7.99 -0.23
C ILE A 132 6.43 -8.86 -0.98
N GLY A 133 7.52 -9.21 -0.31
CA GLY A 133 8.53 -10.04 -0.93
C GLY A 133 7.97 -11.37 -1.41
N THR A 134 7.22 -12.06 -0.56
CA THR A 134 6.65 -13.35 -0.97
C THR A 134 5.57 -13.15 -2.03
N GLY A 135 4.87 -12.02 -1.96
CA GLY A 135 3.84 -11.74 -2.95
C GLY A 135 4.53 -11.61 -4.31
N LEU A 136 5.67 -10.93 -4.33
CA LEU A 136 6.42 -10.75 -5.59
C LEU A 136 6.94 -12.10 -6.09
N VAL A 137 7.48 -12.92 -5.18
CA VAL A 137 7.97 -14.24 -5.57
C VAL A 137 6.81 -14.99 -6.22
N GLY A 138 5.63 -14.89 -5.60
CA GLY A 138 4.45 -15.56 -6.15
C GLY A 138 4.08 -15.07 -7.53
N ALA A 139 4.19 -13.77 -7.75
CA ALA A 139 3.87 -13.18 -9.05
C ALA A 139 4.84 -13.59 -10.16
N LEU A 140 6.08 -13.90 -9.79
CA LEU A 140 7.09 -14.30 -10.77
C LEU A 140 7.36 -15.80 -10.83
N THR A 141 6.55 -16.59 -10.13
CA THR A 141 6.70 -18.04 -10.10
C THR A 141 6.12 -18.69 -11.37
N LYS A 142 6.93 -19.51 -12.03
CA LYS A 142 6.53 -20.18 -13.28
C LYS A 142 5.63 -21.40 -13.11
N VAL A 143 5.69 -22.06 -11.96
CA VAL A 143 4.85 -23.23 -11.70
C VAL A 143 3.54 -22.69 -11.12
N TYR A 144 2.49 -22.73 -11.93
CA TYR A 144 1.17 -22.23 -11.56
C TYR A 144 0.76 -22.51 -10.12
N SER A 145 0.78 -23.79 -9.76
CA SER A 145 0.41 -24.24 -8.43
C SER A 145 1.22 -23.58 -7.30
N TYR A 146 2.52 -23.40 -7.53
CA TYR A 146 3.37 -22.80 -6.51
C TYR A 146 3.00 -21.35 -6.20
N ARG A 147 2.40 -20.66 -7.17
CA ARG A 147 2.03 -19.27 -6.99
C ARG A 147 1.09 -19.06 -5.80
N PHE A 148 0.20 -20.02 -5.60
CA PHE A 148 -0.78 -19.95 -4.51
C PHE A 148 -0.18 -20.23 -3.14
N VAL A 149 0.93 -20.97 -3.11
CA VAL A 149 1.62 -21.24 -1.87
C VAL A 149 2.17 -19.90 -1.38
N TRP A 150 2.77 -19.14 -2.29
CA TRP A 150 3.33 -17.84 -1.94
C TRP A 150 2.22 -16.85 -1.55
N TRP A 151 1.09 -16.94 -2.22
CA TRP A 151 -0.05 -16.08 -1.93
C TRP A 151 -0.53 -16.33 -0.51
N ALA A 152 -0.56 -17.60 -0.11
CA ALA A 152 -1.00 -17.98 1.24
C ALA A 152 -0.05 -17.48 2.31
N ILE A 153 1.25 -17.63 2.09
CA ILE A 153 2.24 -17.16 3.04
C ILE A 153 2.15 -15.64 3.18
N SER A 154 2.03 -14.94 2.04
CA SER A 154 1.92 -13.49 2.04
C SER A 154 0.69 -13.02 2.79
N THR A 155 -0.41 -13.72 2.58
CA THR A 155 -1.68 -13.39 3.24
C THR A 155 -1.60 -13.62 4.75
N ALA A 156 -0.83 -14.62 5.15
CA ALA A 156 -0.66 -14.94 6.56
C ALA A 156 0.10 -13.80 7.25
N ALA A 157 1.08 -13.24 6.52
CA ALA A 157 1.89 -12.15 7.06
C ALA A 157 1.01 -10.90 7.16
N MET A 158 0.13 -10.71 6.17
CA MET A 158 -0.74 -9.55 6.19
C MET A 158 -1.69 -9.64 7.38
N LEU A 159 -2.24 -10.83 7.62
CA LEU A 159 -3.16 -11.03 8.73
C LEU A 159 -2.49 -10.74 10.06
N TYR A 160 -1.20 -11.10 10.15
CA TYR A 160 -0.45 -10.83 11.37
C TYR A 160 -0.41 -9.32 11.58
N ILE A 161 -0.05 -8.59 10.51
CA ILE A 161 0.03 -7.14 10.56
C ILE A 161 -1.31 -6.51 10.94
N LEU A 162 -2.38 -6.91 10.25
CA LEU A 162 -3.70 -6.36 10.53
C LEU A 162 -4.14 -6.64 11.96
N TYR A 163 -3.79 -7.83 12.47
CA TYR A 163 -4.13 -8.22 13.84
C TYR A 163 -3.48 -7.25 14.83
N VAL A 164 -2.18 -7.05 14.69
CA VAL A 164 -1.43 -6.16 15.55
C VAL A 164 -1.95 -4.72 15.44
N LEU A 165 -2.29 -4.29 14.21
CA LEU A 165 -2.78 -2.94 14.01
C LEU A 165 -4.18 -2.71 14.59
N PHE A 166 -5.05 -3.71 14.45
CA PHE A 166 -6.41 -3.58 14.96
C PHE A 166 -6.51 -3.71 16.48
N PHE A 167 -5.79 -4.67 17.06
CA PHE A 167 -5.86 -4.87 18.50
C PHE A 167 -4.76 -4.19 19.31
N GLY A 168 -3.51 -4.35 18.88
CA GLY A 168 -2.41 -3.75 19.62
C GLY A 168 -2.39 -2.23 19.58
N PHE A 169 -2.44 -1.65 18.38
CA PHE A 169 -2.39 -0.20 18.22
C PHE A 169 -3.59 0.54 18.81
N THR A 170 -4.78 -0.04 18.71
CA THR A 170 -5.98 0.59 19.25
C THR A 170 -5.83 0.85 20.74
N SER A 171 -5.34 -0.14 21.47
CA SER A 171 -5.14 0.00 22.90
C SER A 171 -4.14 1.11 23.16
N LYS A 172 -3.13 1.19 22.30
CA LYS A 172 -2.10 2.21 22.40
C LYS A 172 -2.71 3.57 22.09
N ALA A 173 -3.62 3.61 21.12
CA ALA A 173 -4.28 4.84 20.71
C ALA A 173 -5.18 5.43 21.80
N GLU A 174 -5.74 4.56 22.64
CA GLU A 174 -6.63 4.99 23.71
C GLU A 174 -5.91 5.80 24.78
N SER A 175 -4.59 5.71 24.82
CA SER A 175 -3.82 6.46 25.80
C SER A 175 -3.55 7.87 25.30
N MET A 176 -3.94 8.15 24.06
CA MET A 176 -3.73 9.47 23.46
C MET A 176 -4.97 10.33 23.65
N ARG A 177 -4.85 11.60 23.28
CA ARG A 177 -5.99 12.51 23.39
C ARG A 177 -7.04 12.11 22.36
N PRO A 178 -8.32 12.40 22.63
CA PRO A 178 -9.43 12.05 21.73
C PRO A 178 -9.22 12.24 20.23
N GLU A 179 -8.60 13.35 19.83
CA GLU A 179 -8.34 13.62 18.42
C GLU A 179 -7.45 12.55 17.79
N VAL A 180 -6.42 12.14 18.51
CA VAL A 180 -5.50 11.12 18.00
C VAL A 180 -6.20 9.77 17.94
N ALA A 181 -6.92 9.43 19.01
CA ALA A 181 -7.64 8.17 19.09
C ALA A 181 -8.69 8.02 17.99
N SER A 182 -9.49 9.06 17.77
CA SER A 182 -10.51 8.99 16.73
C SER A 182 -9.91 8.93 15.33
N THR A 183 -8.86 9.71 15.07
CA THR A 183 -8.26 9.66 13.74
C THR A 183 -7.60 8.31 13.50
N PHE A 184 -7.00 7.72 14.54
CA PHE A 184 -6.38 6.42 14.37
C PHE A 184 -7.44 5.38 14.03
N LYS A 185 -8.58 5.45 14.72
CA LYS A 185 -9.68 4.51 14.49
C LYS A 185 -10.13 4.52 13.03
N VAL A 186 -10.26 5.72 12.46
CA VAL A 186 -10.69 5.81 11.07
C VAL A 186 -9.60 5.24 10.16
N LEU A 187 -8.35 5.64 10.37
CA LEU A 187 -7.25 5.14 9.55
C LEU A 187 -7.12 3.63 9.70
N ARG A 188 -7.35 3.13 10.91
CA ARG A 188 -7.27 1.71 11.22
C ARG A 188 -8.31 0.91 10.42
N ASN A 189 -9.56 1.38 10.45
CA ASN A 189 -10.65 0.72 9.75
C ASN A 189 -10.42 0.73 8.24
N VAL A 190 -9.96 1.88 7.74
CA VAL A 190 -9.68 2.04 6.32
C VAL A 190 -8.58 1.05 5.92
N THR A 191 -7.54 0.98 6.75
CA THR A 191 -6.42 0.09 6.50
C THR A 191 -6.82 -1.38 6.45
N VAL A 192 -7.58 -1.84 7.43
CA VAL A 192 -7.99 -3.24 7.45
C VAL A 192 -8.80 -3.60 6.21
N VAL A 193 -9.74 -2.73 5.83
CA VAL A 193 -10.57 -2.99 4.66
C VAL A 193 -9.77 -2.93 3.36
N LEU A 194 -9.03 -1.84 3.17
CA LEU A 194 -8.23 -1.65 1.97
C LEU A 194 -7.18 -2.73 1.73
N TRP A 195 -6.33 -2.96 2.74
CA TRP A 195 -5.29 -3.98 2.64
C TRP A 195 -5.87 -5.37 2.35
N SER A 196 -6.92 -5.76 3.06
CA SER A 196 -7.52 -7.07 2.86
C SER A 196 -7.99 -7.29 1.42
N ALA A 197 -8.32 -6.20 0.74
CA ALA A 197 -8.79 -6.26 -0.64
C ALA A 197 -7.71 -6.69 -1.63
N TYR A 198 -6.46 -6.37 -1.34
CA TYR A 198 -5.36 -6.72 -2.24
C TYR A 198 -5.22 -8.21 -2.55
N PRO A 199 -5.14 -9.07 -1.52
CA PRO A 199 -5.00 -10.50 -1.81
C PRO A 199 -6.20 -11.08 -2.57
N VAL A 200 -7.37 -10.48 -2.39
CA VAL A 200 -8.57 -10.93 -3.08
C VAL A 200 -8.46 -10.57 -4.56
N VAL A 201 -8.09 -9.33 -4.85
CA VAL A 201 -7.94 -8.90 -6.23
C VAL A 201 -6.87 -9.76 -6.90
N TRP A 202 -5.76 -9.99 -6.19
CA TRP A 202 -4.68 -10.81 -6.73
C TRP A 202 -5.22 -12.20 -7.09
N LEU A 203 -5.97 -12.78 -6.15
CA LEU A 203 -6.54 -14.10 -6.33
C LEU A 203 -7.51 -14.21 -7.52
N ILE A 204 -8.33 -13.19 -7.76
CA ILE A 204 -9.27 -13.24 -8.87
C ILE A 204 -8.69 -12.77 -10.20
N GLY A 205 -7.60 -12.00 -10.14
CA GLY A 205 -6.97 -11.49 -11.35
C GLY A 205 -6.10 -12.47 -12.12
N SER A 206 -5.50 -11.99 -13.20
CA SER A 206 -4.65 -12.82 -14.06
C SER A 206 -3.38 -13.34 -13.40
N GLU A 207 -3.10 -12.92 -12.16
CA GLU A 207 -1.91 -13.39 -11.46
C GLU A 207 -2.19 -14.67 -10.71
N GLY A 208 -3.46 -14.88 -10.35
CA GLY A 208 -3.85 -16.08 -9.63
C GLY A 208 -4.83 -16.84 -10.50
N ALA A 209 -6.09 -16.87 -10.09
CA ALA A 209 -7.13 -17.54 -10.88
C ALA A 209 -7.71 -16.45 -11.77
N GLY A 210 -7.32 -16.46 -13.04
CA GLY A 210 -7.80 -15.44 -13.97
C GLY A 210 -9.32 -15.41 -14.18
N ILE A 211 -10.06 -15.05 -13.14
CA ILE A 211 -11.51 -14.97 -13.21
C ILE A 211 -11.88 -13.61 -13.81
N VAL A 212 -11.01 -12.63 -13.59
CA VAL A 212 -11.21 -11.29 -14.09
C VAL A 212 -10.00 -10.96 -14.96
N PRO A 213 -10.21 -10.25 -16.08
CA PRO A 213 -9.10 -9.89 -16.97
C PRO A 213 -8.14 -8.86 -16.40
N LEU A 214 -6.91 -8.85 -16.94
CA LEU A 214 -5.86 -7.94 -16.52
C LEU A 214 -6.34 -6.50 -16.49
N ASN A 215 -7.22 -6.16 -17.44
CA ASN A 215 -7.78 -4.82 -17.56
C ASN A 215 -8.53 -4.37 -16.30
N ILE A 216 -9.38 -5.24 -15.78
CA ILE A 216 -10.17 -4.94 -14.59
C ILE A 216 -9.30 -5.08 -13.34
N GLU A 217 -8.35 -6.00 -13.40
CA GLU A 217 -7.41 -6.27 -12.33
C GLU A 217 -6.62 -4.99 -12.06
N THR A 218 -6.09 -4.41 -13.14
CA THR A 218 -5.31 -3.19 -13.08
C THR A 218 -6.13 -2.01 -12.55
N LEU A 219 -7.38 -1.91 -12.99
CA LEU A 219 -8.26 -0.84 -12.55
C LEU A 219 -8.52 -0.97 -11.05
N LEU A 220 -8.76 -2.20 -10.59
CA LEU A 220 -9.04 -2.43 -9.18
C LEU A 220 -7.83 -2.09 -8.31
N PHE A 221 -6.63 -2.49 -8.74
CA PHE A 221 -5.43 -2.18 -7.97
C PHE A 221 -5.17 -0.69 -7.96
N MET A 222 -5.53 -0.02 -9.06
CA MET A 222 -5.34 1.42 -9.16
C MET A 222 -6.27 2.13 -8.16
N VAL A 223 -7.52 1.70 -8.08
CA VAL A 223 -8.46 2.32 -7.15
C VAL A 223 -7.97 2.10 -5.71
N LEU A 224 -7.50 0.88 -5.44
CA LEU A 224 -6.98 0.53 -4.12
C LEU A 224 -5.73 1.36 -3.77
N ASP A 225 -4.80 1.46 -4.72
CA ASP A 225 -3.56 2.22 -4.50
C ASP A 225 -3.81 3.72 -4.29
N VAL A 226 -4.68 4.30 -5.10
CA VAL A 226 -4.98 5.71 -4.94
C VAL A 226 -5.63 5.94 -3.57
N SER A 227 -6.54 5.04 -3.20
CA SER A 227 -7.23 5.16 -1.91
C SER A 227 -6.23 5.02 -0.74
N ALA A 228 -5.26 4.13 -0.90
CA ALA A 228 -4.27 3.89 0.13
C ALA A 228 -3.11 4.89 0.15
N LYS A 229 -2.72 5.40 -1.01
CA LYS A 229 -1.59 6.33 -1.09
C LYS A 229 -1.93 7.80 -1.19
N VAL A 230 -3.23 8.11 -1.28
CA VAL A 230 -3.68 9.49 -1.32
C VAL A 230 -4.82 9.66 -0.32
N GLY A 231 -5.80 8.77 -0.41
CA GLY A 231 -6.95 8.82 0.49
C GLY A 231 -6.55 8.74 1.95
N PHE A 232 -5.71 7.77 2.28
CA PHE A 232 -5.22 7.59 3.65
C PHE A 232 -4.51 8.87 4.09
N GLY A 233 -3.63 9.38 3.23
CA GLY A 233 -2.90 10.60 3.53
C GLY A 233 -3.80 11.81 3.73
N LEU A 234 -4.86 11.91 2.95
CA LEU A 234 -5.80 13.02 3.07
C LEU A 234 -6.40 13.03 4.47
N ILE A 235 -6.96 11.88 4.87
CA ILE A 235 -7.56 11.74 6.19
C ILE A 235 -6.58 12.10 7.31
N LEU A 236 -5.34 11.65 7.19
CA LEU A 236 -4.33 11.93 8.21
C LEU A 236 -3.83 13.37 8.23
N LEU A 237 -3.36 13.86 7.09
CA LEU A 237 -2.83 15.21 7.03
C LEU A 237 -3.84 16.34 7.18
N ARG A 238 -5.12 16.02 7.10
CA ARG A 238 -6.14 17.05 7.25
C ARG A 238 -6.70 17.03 8.68
N SER A 239 -6.19 16.11 9.49
CA SER A 239 -6.63 16.01 10.87
C SER A 239 -5.66 16.75 11.78
N ARG A 240 -6.08 17.02 13.01
CA ARG A 240 -5.23 17.71 13.97
C ARG A 240 -4.38 16.71 14.73
N ALA A 241 -4.63 15.42 14.50
CA ALA A 241 -3.90 14.35 15.18
C ALA A 241 -2.38 14.36 14.94
N ILE A 242 -1.95 14.94 13.82
CA ILE A 242 -0.51 14.96 13.52
C ILE A 242 0.25 16.00 14.34
N PHE A 243 -0.48 16.82 15.07
CA PHE A 243 0.14 17.83 15.92
C PHE A 243 0.33 17.28 17.32
N GLY A 244 1.58 17.22 17.76
CA GLY A 244 1.88 16.69 19.07
C GLY A 244 1.41 17.54 20.22
N GLU A 245 1.69 18.84 20.16
CA GLU A 245 1.28 19.76 21.21
C GLU A 245 1.75 19.27 22.57
#